data_3V6I
#
_entry.id   3V6I
#
_cell.length_a   102.510
_cell.length_b   208.690
_cell.length_c   36.900
_cell.angle_alpha   90.000
_cell.angle_beta   90.000
_cell.angle_gamma   90.000
#
_symmetry.space_group_name_H-M   'P 21 21 2'
#
loop_
_entity.id
_entity.type
_entity.pdbx_description
1 polymer 'V-type ATP synthase subunit E'
2 polymer 'V-type ATP synthase, subunit (VAPC-THERM)'
3 non-polymer 'CALCIUM ION'
4 non-polymer 'SODIUM ION'
5 water water
#
loop_
_entity_poly.entity_id
_entity_poly.type
_entity_poly.pdbx_seq_one_letter_code
_entity_poly.pdbx_strand_id
1 'polypeptide(L)'
;SKLEAILSQEVEAEIQALLQEAEAKAEAVKREAEEKAKALLQARERALEAQYRAALRRAESAGELLVATARTQARGEVLE
EVRRRVREALEALPQKPEWPEVVRKLALEALEALPGAKALVANPEDLPHLEALARERGVELQAEPALRLGVRAVGAEGKT
QVENSLLARLDRAWDALSSKVAQALWG
;
A,Y
2 'polypeptide(L)'
;GMGGLGLIKSLAEKEKQLLERLEAAKKEAEERVKRAEAEAKALLEEAEAKAKALEAQYRERERAETEALLARYRERAEAE
AKAVREKAMARLDEAVALVLKEVLP
;
B,X
#
loop_
_chem_comp.id
_chem_comp.type
_chem_comp.name
_chem_comp.formula
CA non-polymer 'CALCIUM ION' 'Ca 2'
NA non-polymer 'SODIUM ION' 'Na 1'
#
# COMPACT_ATOMS: atom_id res chain seq x y z
N SER A 1 -2.58 -34.03 -38.50
CA SER A 1 -2.90 -35.20 -37.64
C SER A 1 -3.64 -34.78 -36.36
N LYS A 2 -4.01 -35.79 -35.57
CA LYS A 2 -4.65 -35.60 -34.28
C LYS A 2 -3.74 -34.80 -33.33
N LEU A 3 -2.48 -35.22 -33.24
CA LEU A 3 -1.54 -34.57 -32.32
C LEU A 3 -1.31 -33.11 -32.70
N GLU A 4 -1.25 -32.86 -34.00
CA GLU A 4 -1.05 -31.53 -34.48
C GLU A 4 -2.23 -30.61 -34.13
N ALA A 5 -3.46 -31.12 -34.22
CA ALA A 5 -4.63 -30.33 -33.88
C ALA A 5 -4.61 -30.08 -32.36
N ILE A 6 -4.28 -31.12 -31.59
CA ILE A 6 -4.21 -30.96 -30.14
C ILE A 6 -3.23 -29.86 -29.74
N LEU A 7 -2.05 -29.84 -30.39
CA LEU A 7 -0.98 -28.92 -30.02
C LEU A 7 -1.30 -27.48 -30.44
N SER A 8 -1.89 -27.35 -31.63
CA SER A 8 -2.40 -26.08 -32.14
C SER A 8 -3.43 -25.51 -31.14
N GLN A 9 -4.35 -26.36 -30.68
CA GLN A 9 -5.29 -25.96 -29.63
C GLN A 9 -4.62 -25.62 -28.30
N GLU A 10 -3.56 -26.33 -27.93
CA GLU A 10 -2.79 -26.02 -26.72
C GLU A 10 -2.21 -24.59 -26.78
N VAL A 11 -1.54 -24.25 -27.88
CA VAL A 11 -0.97 -22.92 -28.08
C VAL A 11 -2.02 -21.84 -28.00
N GLU A 12 -3.14 -22.09 -28.68
CA GLU A 12 -4.24 -21.09 -28.64
C GLU A 12 -4.74 -20.91 -27.21
N ALA A 13 -5.01 -21.99 -26.51
CA ALA A 13 -5.59 -21.93 -25.16
C ALA A 13 -4.59 -21.30 -24.15
N GLU A 14 -3.27 -21.47 -24.37
CA GLU A 14 -2.26 -20.86 -23.48
C GLU A 14 -2.26 -19.36 -23.67
N ILE A 15 -2.31 -18.92 -24.92
CA ILE A 15 -2.39 -17.50 -25.22
C ILE A 15 -3.71 -16.90 -24.71
N GLN A 16 -4.81 -17.63 -24.88
CA GLN A 16 -6.11 -17.14 -24.45
C GLN A 16 -6.12 -16.90 -22.94
N ALA A 17 -5.58 -17.87 -22.19
CA ALA A 17 -5.55 -17.84 -20.73
C ALA A 17 -4.62 -16.72 -20.26
N LEU A 18 -3.47 -16.54 -20.90
CA LEU A 18 -2.58 -15.44 -20.57
C LEU A 18 -3.33 -14.11 -20.70
N LEU A 19 -4.12 -13.97 -21.76
CA LEU A 19 -4.81 -12.70 -22.01
C LEU A 19 -6.01 -12.44 -21.07
N GLN A 20 -6.81 -13.47 -20.84
CA GLN A 20 -7.90 -13.36 -19.84
C GLN A 20 -7.42 -13.14 -18.41
N GLU A 21 -6.31 -13.79 -18.04
CA GLU A 21 -5.77 -13.56 -16.71
C GLU A 21 -5.19 -12.17 -16.56
N ALA A 22 -4.51 -11.67 -17.60
CA ALA A 22 -4.02 -10.30 -17.59
C ALA A 22 -5.17 -9.29 -17.44
N GLU A 23 -6.28 -9.54 -18.11
CA GLU A 23 -7.44 -8.65 -17.98
C GLU A 23 -8.05 -8.73 -16.56
N ALA A 24 -8.15 -9.95 -16.03
CA ALA A 24 -8.77 -10.12 -14.71
C ALA A 24 -7.87 -9.47 -13.67
N LYS A 25 -6.58 -9.59 -13.91
CA LYS A 25 -5.60 -8.98 -13.02
C LYS A 25 -5.75 -7.47 -13.03
N ALA A 26 -5.82 -6.87 -14.23
CA ALA A 26 -6.01 -5.42 -14.36
C ALA A 26 -7.23 -4.93 -13.60
N GLU A 27 -8.34 -5.63 -13.77
CA GLU A 27 -9.57 -5.21 -13.14
C GLU A 27 -9.43 -5.34 -11.63
N ALA A 28 -8.84 -6.44 -11.15
CA ALA A 28 -8.65 -6.60 -9.70
C ALA A 28 -7.79 -5.48 -9.10
N VAL A 29 -6.73 -5.11 -9.77
CA VAL A 29 -5.83 -4.04 -9.33
C VAL A 29 -6.61 -2.72 -9.27
N LYS A 30 -7.42 -2.42 -10.27
CA LYS A 30 -8.13 -1.15 -10.23
C LYS A 30 -9.16 -1.15 -9.11
N ARG A 31 -9.94 -2.22 -8.99
CA ARG A 31 -10.95 -2.31 -7.94
C ARG A 31 -10.32 -2.13 -6.54
N GLU A 32 -9.23 -2.84 -6.31
CA GLU A 32 -8.49 -2.70 -5.07
C GLU A 32 -8.05 -1.26 -4.82
N ALA A 33 -7.51 -0.59 -5.83
CA ALA A 33 -7.02 0.77 -5.57
C ALA A 33 -8.20 1.71 -5.26
N GLU A 34 -9.36 1.43 -5.84
CA GLU A 34 -10.57 2.20 -5.57
C GLU A 34 -11.01 2.09 -4.13
N GLU A 35 -11.14 0.85 -3.65
CA GLU A 35 -11.52 0.61 -2.28
C GLU A 35 -10.47 1.20 -1.37
N LYS A 36 -9.18 1.04 -1.66
CA LYS A 36 -8.15 1.56 -0.77
C LYS A 36 -8.23 3.07 -0.63
N ALA A 37 -8.36 3.75 -1.76
CA ALA A 37 -8.43 5.19 -1.79
C ALA A 37 -9.59 5.64 -0.91
N LYS A 38 -10.75 5.03 -1.09
CA LYS A 38 -11.95 5.42 -0.33
C LYS A 38 -11.72 5.23 1.18
N ALA A 39 -11.27 4.04 1.59
CA ALA A 39 -11.00 3.73 2.99
C ALA A 39 -9.99 4.70 3.59
N LEU A 40 -8.91 4.99 2.87
CA LEU A 40 -7.88 5.93 3.32
C LEU A 40 -8.43 7.32 3.65
N LEU A 41 -9.19 7.91 2.73
CA LEU A 41 -9.77 9.22 2.97
C LEU A 41 -10.75 9.24 4.16
N GLN A 42 -11.55 8.19 4.32
CA GLN A 42 -12.49 8.15 5.44
C GLN A 42 -11.73 7.98 6.76
N ALA A 43 -10.80 7.03 6.81
CA ALA A 43 -9.98 6.85 8.02
C ALA A 43 -9.26 8.14 8.40
N ARG A 44 -8.68 8.80 7.41
CA ARG A 44 -7.96 10.06 7.61
C ARG A 44 -8.83 11.17 8.21
N GLU A 45 -10.03 11.31 7.66
CA GLU A 45 -10.97 12.30 8.11
C GLU A 45 -11.33 12.05 9.57
N ARG A 46 -11.67 10.81 9.90
CA ARG A 46 -12.02 10.54 11.29
C ARG A 46 -10.84 10.86 12.24
N ALA A 47 -9.63 10.59 11.78
CA ALA A 47 -8.44 10.81 12.59
C ALA A 47 -8.24 12.31 12.77
N LEU A 48 -8.53 13.06 11.69
CA LEU A 48 -8.43 14.53 11.72
C LEU A 48 -9.43 15.17 12.68
N GLU A 49 -10.68 14.74 12.61
CA GLU A 49 -11.67 15.16 13.58
C GLU A 49 -11.11 14.95 14.99
N ALA A 50 -10.55 13.77 15.25
CA ALA A 50 -10.16 13.46 16.63
C ALA A 50 -9.05 14.41 17.06
N GLN A 51 -8.04 14.58 16.21
CA GLN A 51 -6.97 15.54 16.47
C GLN A 51 -7.45 16.97 16.75
N TYR A 52 -8.40 17.44 15.98
CA TYR A 52 -8.90 18.81 16.08
C TYR A 52 -9.56 18.99 17.44
N ARG A 53 -10.35 18.01 17.84
CA ARG A 53 -10.92 17.97 19.15
C ARG A 53 -9.83 18.10 20.24
N ALA A 54 -8.78 17.28 20.15
CA ALA A 54 -7.70 17.36 21.15
C ALA A 54 -7.02 18.73 21.14
N ALA A 55 -6.91 19.32 19.96
CA ALA A 55 -6.32 20.66 19.80
C ALA A 55 -7.12 21.70 20.56
N LEU A 56 -8.44 21.62 20.42
CA LEU A 56 -9.35 22.55 21.09
C LEU A 56 -9.33 22.34 22.58
N ARG A 57 -9.19 21.08 22.99
CA ARG A 57 -9.08 20.76 24.41
C ARG A 57 -7.79 21.31 25.04
N ARG A 58 -6.64 21.15 24.37
CA ARG A 58 -5.40 21.79 24.85
C ARG A 58 -5.52 23.32 24.94
N ALA A 59 -6.09 23.97 23.92
CA ALA A 59 -6.30 25.44 23.94
C ALA A 59 -7.10 25.88 25.16
N GLU A 60 -8.17 25.13 25.44
CA GLU A 60 -9.03 25.43 26.53
C GLU A 60 -8.25 25.33 27.85
N SER A 61 -7.45 24.28 27.98
CA SER A 61 -6.61 24.11 29.17
C SER A 61 -5.73 25.35 29.35
N ALA A 62 -5.16 25.82 28.24
CA ALA A 62 -4.33 27.02 28.23
C ALA A 62 -5.14 28.22 28.74
N GLY A 63 -6.37 28.35 28.27
CA GLY A 63 -7.24 29.47 28.64
C GLY A 63 -7.57 29.51 30.13
N GLU A 64 -8.07 28.38 30.64
CA GLU A 64 -8.32 28.19 32.07
C GLU A 64 -7.07 28.50 32.90
N LEU A 65 -5.91 28.02 32.46
CA LEU A 65 -4.68 28.33 33.21
C LEU A 65 -4.50 29.84 33.23
N LEU A 66 -4.78 30.50 32.11
CA LEU A 66 -4.67 31.94 32.05
C LEU A 66 -5.62 32.65 33.07
N VAL A 67 -6.82 32.11 33.24
CA VAL A 67 -7.72 32.69 34.20
C VAL A 67 -7.19 32.51 35.63
N ALA A 68 -6.69 31.32 35.92
CA ALA A 68 -6.16 31.00 37.25
C ALA A 68 -4.94 31.87 37.59
N THR A 69 -4.06 32.02 36.62
CA THR A 69 -2.91 32.92 36.77
C THR A 69 -3.38 34.34 37.07
N ALA A 70 -4.47 34.78 36.47
CA ALA A 70 -4.95 36.14 36.67
C ALA A 70 -5.45 36.32 38.10
N ARG A 71 -6.23 35.36 38.59
CA ARG A 71 -6.79 35.42 39.94
C ARG A 71 -5.69 35.41 41.02
N THR A 72 -4.71 34.53 40.83
CA THR A 72 -3.52 34.48 41.68
C THR A 72 -2.71 35.77 41.71
N GLN A 73 -2.51 36.39 40.55
CA GLN A 73 -1.90 37.72 40.45
C GLN A 73 -2.70 38.78 41.22
N ALA A 74 -4.00 38.82 40.98
CA ALA A 74 -4.89 39.82 41.60
C ALA A 74 -4.86 39.68 43.13
N ARG A 75 -5.02 38.45 43.63
CA ARG A 75 -4.90 38.21 45.09
C ARG A 75 -3.56 38.73 45.60
N GLY A 76 -2.49 38.45 44.86
CA GLY A 76 -1.15 38.84 45.32
C GLY A 76 -1.07 40.36 45.51
N GLU A 77 -1.57 41.11 44.53
CA GLU A 77 -1.56 42.57 44.63
C GLU A 77 -2.39 43.08 45.82
N VAL A 78 -3.52 42.43 46.07
CA VAL A 78 -4.38 42.80 47.20
C VAL A 78 -3.64 42.55 48.50
N LEU A 79 -3.02 41.38 48.60
CA LEU A 79 -2.29 41.01 49.78
C LEU A 79 -1.16 42.01 50.06
N GLU A 80 -0.44 42.41 49.02
CA GLU A 80 0.62 43.42 49.21
C GLU A 80 0.07 44.77 49.68
N GLU A 81 -1.11 45.15 49.18
CA GLU A 81 -1.73 46.37 49.65
C GLU A 81 -2.10 46.24 51.14
N VAL A 82 -2.60 45.07 51.54
CA VAL A 82 -2.88 44.87 52.96
C VAL A 82 -1.63 45.01 53.81
N ARG A 83 -0.51 44.50 53.31
CA ARG A 83 0.75 44.54 54.04
C ARG A 83 1.21 45.98 54.15
N ARG A 84 1.10 46.72 53.05
CA ARG A 84 1.50 48.10 53.04
C ARG A 84 0.71 48.87 54.09
N ARG A 85 -0.60 48.63 54.16
CA ARG A 85 -1.45 49.32 55.16
C ARG A 85 -1.10 48.91 56.57
N VAL A 86 -0.83 47.62 56.78
CA VAL A 86 -0.42 47.18 58.13
C VAL A 86 0.87 47.92 58.57
N ARG A 87 1.85 47.99 57.69
CA ARG A 87 3.10 48.64 58.01
C ARG A 87 2.92 50.12 58.30
N GLU A 88 2.05 50.81 57.55
CA GLU A 88 1.79 52.21 57.82
C GLU A 88 1.16 52.42 59.18
N ALA A 89 0.19 51.57 59.53
CA ALA A 89 -0.45 51.62 60.85
C ALA A 89 0.61 51.41 61.96
N LEU A 90 1.49 50.44 61.76
CA LEU A 90 2.48 50.09 62.81
C LEU A 90 3.44 51.28 62.99
N GLU A 91 3.78 51.92 61.87
CA GLU A 91 4.64 53.10 61.90
C GLU A 91 4.02 54.25 62.69
N ALA A 92 2.69 54.40 62.60
CA ALA A 92 2.01 55.53 63.22
C ALA A 92 1.84 55.25 64.71
N LEU A 93 1.86 53.97 65.09
CA LEU A 93 1.47 53.54 66.44
C LEU A 93 2.20 54.24 67.61
N PRO A 94 3.45 54.69 67.40
CA PRO A 94 4.10 55.30 68.56
C PRO A 94 3.56 56.67 68.98
N GLN A 95 2.71 57.28 68.15
CA GLN A 95 2.15 58.60 68.45
C GLN A 95 0.87 58.44 69.23
N LYS A 96 0.39 57.20 69.38
CA LYS A 96 -0.91 56.98 69.99
C LYS A 96 -0.80 56.76 71.50
N PRO A 97 -1.88 57.04 72.24
CA PRO A 97 -1.92 56.95 73.70
C PRO A 97 -1.61 55.54 74.25
N GLU A 98 -1.90 54.51 73.47
CA GLU A 98 -1.74 53.13 73.92
C GLU A 98 -0.33 52.60 73.64
N TRP A 99 0.51 53.39 72.98
CA TRP A 99 1.88 52.96 72.72
C TRP A 99 2.62 52.48 73.98
N PRO A 100 2.58 53.24 75.11
CA PRO A 100 3.29 52.79 76.30
C PRO A 100 2.86 51.38 76.68
N GLU A 101 1.57 51.09 76.55
CA GLU A 101 1.09 49.77 76.94
C GLU A 101 1.67 48.71 76.01
N VAL A 102 1.71 48.99 74.71
CA VAL A 102 2.28 48.05 73.74
C VAL A 102 3.73 47.81 74.09
N VAL A 103 4.46 48.89 74.39
CA VAL A 103 5.89 48.77 74.78
C VAL A 103 6.05 47.87 76.01
N ARG A 104 5.15 48.04 76.96
CA ARG A 104 5.23 47.26 78.19
C ARG A 104 4.99 45.80 77.83
N LYS A 105 4.00 45.52 77.01
CA LYS A 105 3.74 44.13 76.60
C LYS A 105 4.89 43.45 75.83
N LEU A 106 5.54 44.22 74.97
CA LEU A 106 6.68 43.71 74.22
C LEU A 106 7.82 43.38 75.16
N ALA A 107 8.03 44.24 76.17
CA ALA A 107 9.06 43.98 77.20
C ALA A 107 8.77 42.72 78.02
N LEU A 108 7.54 42.59 78.51
CA LEU A 108 7.13 41.35 79.20
C LEU A 108 7.42 40.09 78.39
N GLU A 109 7.05 40.10 77.11
CA GLU A 109 7.26 38.93 76.27
C GLU A 109 8.75 38.66 76.05
N ALA A 110 9.53 39.73 75.85
CA ALA A 110 10.98 39.63 75.78
C ALA A 110 11.55 39.01 77.08
N LEU A 111 11.08 39.46 78.24
CA LEU A 111 11.50 38.82 79.49
C LEU A 111 11.08 37.35 79.62
N GLU A 112 9.89 37.01 79.13
CA GLU A 112 9.46 35.62 79.17
C GLU A 112 10.43 34.76 78.36
N ALA A 113 10.96 35.34 77.28
CA ALA A 113 11.81 34.57 76.39
C ALA A 113 13.25 34.58 76.87
N LEU A 114 13.61 35.55 77.72
CA LEU A 114 14.96 35.56 78.30
C LEU A 114 14.89 35.88 79.79
N PRO A 115 14.40 34.91 80.60
CA PRO A 115 14.08 35.20 82.00
C PRO A 115 15.31 35.58 82.80
N GLY A 116 16.49 35.22 82.31
CA GLY A 116 17.72 35.57 83.01
C GLY A 116 18.18 37.00 82.72
N ALA A 117 17.43 37.72 81.88
CA ALA A 117 17.89 39.02 81.38
C ALA A 117 18.26 40.01 82.50
N LYS A 118 19.29 40.81 82.26
CA LYS A 118 19.68 41.81 83.24
C LYS A 118 19.30 43.25 82.83
N ALA A 119 18.91 43.42 81.58
CA ALA A 119 18.57 44.76 81.09
C ALA A 119 17.56 44.67 79.98
N LEU A 120 16.76 45.73 79.85
CA LEU A 120 15.88 45.93 78.71
C LEU A 120 16.41 47.14 77.95
N VAL A 121 16.40 47.05 76.62
CA VAL A 121 16.93 48.09 75.75
C VAL A 121 15.78 48.52 74.89
N ALA A 122 15.58 49.83 74.79
CA ALA A 122 14.52 50.41 73.95
C ALA A 122 14.98 51.78 73.46
N ASN A 123 14.35 52.26 72.41
CA ASN A 123 14.52 53.66 72.02
C ASN A 123 14.44 54.59 73.23
N PRO A 124 15.29 55.62 73.28
CA PRO A 124 15.24 56.65 74.32
C PRO A 124 13.85 57.20 74.61
N GLU A 125 12.99 57.31 73.60
CA GLU A 125 11.66 57.88 73.81
C GLU A 125 10.72 56.91 74.54
N ASP A 126 11.08 55.64 74.51
CA ASP A 126 10.24 54.58 75.06
C ASP A 126 10.64 54.14 76.47
N LEU A 127 11.88 54.42 76.89
CA LEU A 127 12.36 54.05 78.23
C LEU A 127 11.42 54.44 79.39
N PRO A 128 10.96 55.68 79.41
CA PRO A 128 10.14 56.10 80.54
C PRO A 128 8.90 55.23 80.71
N HIS A 129 8.45 54.58 79.63
CA HIS A 129 7.29 53.70 79.70
C HIS A 129 7.63 52.38 80.40
N LEU A 130 8.92 52.04 80.44
CA LEU A 130 9.39 50.79 81.03
C LEU A 130 9.95 50.96 82.46
N GLU A 131 10.06 52.21 82.91
CA GLU A 131 10.74 52.52 84.16
C GLU A 131 10.21 51.66 85.30
N ALA A 132 8.89 51.64 85.45
CA ALA A 132 8.27 51.00 86.63
C ALA A 132 8.32 49.48 86.50
N LEU A 133 8.05 48.99 85.30
CA LEU A 133 8.09 47.57 85.05
C LEU A 133 9.52 47.02 85.33
N ALA A 134 10.52 47.75 84.85
CA ALA A 134 11.92 47.34 85.04
C ALA A 134 12.33 47.42 86.51
N ARG A 135 11.92 48.49 87.20
CA ARG A 135 12.21 48.61 88.62
C ARG A 135 11.62 47.43 89.43
N GLU A 136 10.36 47.10 89.20
CA GLU A 136 9.71 45.98 89.88
C GLU A 136 10.47 44.67 89.63
N ARG A 137 11.05 44.51 88.45
CA ARG A 137 11.77 43.27 88.14
C ARG A 137 13.19 43.35 88.62
N GLY A 138 13.67 44.57 88.87
CA GLY A 138 15.08 44.79 89.19
C GLY A 138 16.02 44.65 88.01
N VAL A 139 15.65 45.12 86.81
CA VAL A 139 16.54 44.98 85.67
C VAL A 139 16.83 46.36 85.16
N GLU A 140 18.03 46.57 84.62
CA GLU A 140 18.44 47.88 84.14
C GLU A 140 17.76 48.23 82.82
N LEU A 141 17.77 49.53 82.52
CA LEU A 141 17.18 50.08 81.30
C LEU A 141 18.28 50.78 80.49
N GLN A 142 18.35 50.54 79.19
CA GLN A 142 19.43 51.13 78.36
C GLN A 142 18.85 51.65 77.03
N ALA A 143 19.34 52.80 76.57
CA ALA A 143 18.80 53.44 75.37
C ALA A 143 19.55 53.00 74.13
N GLU A 144 18.81 52.67 73.07
CA GLU A 144 19.44 52.38 71.78
C GLU A 144 18.76 53.22 70.72
N PRO A 145 19.47 54.24 70.22
CA PRO A 145 18.83 55.22 69.34
C PRO A 145 18.43 54.58 68.01
N ALA A 146 19.20 53.58 67.58
CA ALA A 146 18.94 52.88 66.32
C ALA A 146 17.77 51.89 66.40
N LEU A 147 17.19 51.76 67.60
CA LEU A 147 16.11 50.82 67.85
C LEU A 147 14.73 51.51 67.93
N ARG A 148 13.75 50.94 67.23
CA ARG A 148 12.39 51.48 67.22
C ARG A 148 11.35 50.38 67.04
N LEU A 149 10.12 50.66 67.44
CA LEU A 149 9.02 49.70 67.31
C LEU A 149 9.34 48.36 67.96
N GLY A 150 10.25 48.34 68.93
CA GLY A 150 10.61 47.09 69.56
C GLY A 150 11.29 47.22 70.90
N VAL A 151 11.52 46.07 71.57
CA VAL A 151 12.25 46.08 72.84
C VAL A 151 13.23 44.91 72.80
N ARG A 152 14.45 45.12 73.33
CA ARG A 152 15.40 44.00 73.46
C ARG A 152 15.63 43.63 74.93
N ALA A 153 15.79 42.35 75.23
CA ALA A 153 16.25 42.00 76.56
C ALA A 153 17.67 41.45 76.44
N VAL A 154 18.52 41.71 77.43
CA VAL A 154 19.90 41.28 77.37
C VAL A 154 20.29 40.58 78.68
N GLY A 155 20.90 39.42 78.53
CA GLY A 155 21.28 38.64 79.71
C GLY A 155 22.71 38.92 80.09
N ALA A 156 23.16 38.34 81.20
CA ALA A 156 24.59 38.19 81.52
C ALA A 156 25.30 39.53 81.59
N GLU A 157 26.36 39.64 80.80
CA GLU A 157 26.90 40.94 80.46
C GLU A 157 26.97 41.08 78.93
N GLY A 158 25.81 41.09 78.28
CA GLY A 158 25.74 41.27 76.83
C GLY A 158 26.03 39.98 76.10
N LYS A 159 26.20 38.90 76.85
CA LYS A 159 26.43 37.60 76.25
C LYS A 159 25.26 37.19 75.36
N THR A 160 24.04 37.30 75.87
CA THR A 160 22.86 36.91 75.13
C THR A 160 21.87 38.06 75.01
N GLN A 161 20.92 37.91 74.07
CA GLN A 161 20.06 39.01 73.60
C GLN A 161 18.84 38.44 72.85
N VAL A 162 17.66 38.99 73.14
CA VAL A 162 16.46 38.62 72.40
C VAL A 162 15.77 39.90 71.94
N GLU A 163 15.31 39.92 70.70
CA GLU A 163 14.62 41.11 70.18
C GLU A 163 13.15 40.85 69.95
N ASN A 164 12.33 41.77 70.42
CA ASN A 164 10.90 41.68 70.16
C ASN A 164 10.46 42.93 69.39
N SER A 165 10.49 42.83 68.07
CA SER A 165 10.28 43.96 67.14
C SER A 165 9.00 43.78 66.32
N LEU A 166 8.17 44.82 66.23
CA LEU A 166 6.90 44.71 65.51
C LEU A 166 7.07 44.48 64.00
N LEU A 167 7.99 45.20 63.38
CA LEU A 167 8.28 45.00 61.95
C LEU A 167 8.80 43.57 61.65
N ALA A 168 9.71 43.08 62.49
CA ALA A 168 10.26 41.74 62.31
C ALA A 168 9.17 40.69 62.60
N ARG A 169 8.28 41.00 63.54
CA ARG A 169 7.15 40.08 63.80
C ARG A 169 6.26 40.00 62.56
N LEU A 170 5.99 41.15 61.95
CA LEU A 170 5.17 41.22 60.73
C LEU A 170 5.79 40.37 59.63
N ASP A 171 7.09 40.61 59.38
CA ASP A 171 7.83 40.00 58.29
C ASP A 171 7.97 38.49 58.43
N ARG A 172 8.32 38.00 59.62
CA ARG A 172 8.48 36.57 59.86
C ARG A 172 7.16 35.80 59.73
N ALA A 173 6.05 36.45 60.03
CA ALA A 173 4.79 35.72 60.12
C ALA A 173 3.97 35.90 58.86
N TRP A 174 4.48 36.68 57.90
CA TRP A 174 3.65 37.10 56.78
C TRP A 174 3.15 35.94 55.89
N ASP A 175 3.95 34.88 55.76
CA ASP A 175 3.56 33.76 54.93
C ASP A 175 2.22 33.15 55.39
N ALA A 176 2.08 32.84 56.68
CA ALA A 176 0.84 32.31 57.27
C ALA A 176 -0.28 33.34 57.40
N LEU A 177 0.09 34.53 57.86
CA LEU A 177 -0.86 35.65 57.92
C LEU A 177 -1.58 35.81 56.58
N SER A 178 -0.81 35.71 55.50
CA SER A 178 -1.40 36.00 54.19
C SER A 178 -2.49 34.96 53.91
N SER A 179 -2.31 33.73 54.37
CA SER A 179 -3.35 32.72 54.23
C SER A 179 -4.60 33.07 55.04
N LYS A 180 -4.41 33.53 56.27
CA LYS A 180 -5.52 33.99 57.13
C LYS A 180 -6.28 35.14 56.49
N VAL A 181 -5.53 36.14 56.01
CA VAL A 181 -6.12 37.25 55.26
C VAL A 181 -6.94 36.76 54.05
N ALA A 182 -6.34 35.89 53.23
CA ALA A 182 -7.05 35.40 52.05
C ALA A 182 -8.41 34.74 52.40
N GLN A 183 -8.41 33.89 53.42
CA GLN A 183 -9.65 33.34 54.02
C GLN A 183 -10.62 34.44 54.42
N ALA A 184 -10.13 35.50 55.06
CA ALA A 184 -11.00 36.62 55.43
C ALA A 184 -11.57 37.37 54.23
N LEU A 185 -10.79 37.48 53.16
CA LEU A 185 -11.17 38.33 52.03
C LEU A 185 -12.01 37.59 51.00
N TRP A 186 -11.62 36.35 50.69
CA TRP A 186 -12.31 35.59 49.66
C TRP A 186 -13.00 34.34 50.18
N GLY A 187 -12.95 34.10 51.49
CA GLY A 187 -13.59 32.92 52.06
N LEU B 5 14.46 -28.31 -49.90
CA LEU B 5 13.03 -28.54 -49.51
C LEU B 5 12.32 -27.22 -49.17
N GLY B 6 11.11 -27.07 -49.69
CA GLY B 6 10.23 -25.96 -49.34
C GLY B 6 9.68 -26.13 -47.93
N LEU B 7 9.67 -27.37 -47.45
CA LEU B 7 9.28 -27.68 -46.09
C LEU B 7 10.19 -27.00 -45.06
N ILE B 8 11.49 -27.00 -45.32
CA ILE B 8 12.48 -26.40 -44.42
C ILE B 8 12.30 -24.89 -44.34
N LYS B 9 12.08 -24.26 -45.49
CA LYS B 9 11.80 -22.82 -45.58
C LYS B 9 10.47 -22.46 -44.93
N SER B 10 9.47 -23.35 -45.02
CA SER B 10 8.16 -23.01 -44.45
C SER B 10 8.13 -23.31 -42.95
N LEU B 11 9.05 -24.17 -42.53
CA LEU B 11 9.25 -24.49 -41.14
C LEU B 11 9.89 -23.28 -40.46
N ALA B 12 10.91 -22.69 -41.10
CA ALA B 12 11.46 -21.40 -40.69
C ALA B 12 10.40 -20.30 -40.59
N GLU B 13 9.57 -20.19 -41.61
CA GLU B 13 8.46 -19.22 -41.59
C GLU B 13 7.53 -19.47 -40.41
N LYS B 14 7.20 -20.74 -40.17
CA LYS B 14 6.25 -21.09 -39.12
C LYS B 14 6.84 -20.83 -37.72
N GLU B 15 8.12 -21.14 -37.54
CA GLU B 15 8.80 -20.81 -36.31
C GLU B 15 8.68 -19.32 -36.06
N LYS B 16 8.90 -18.56 -37.12
CA LYS B 16 8.84 -17.12 -37.04
C LYS B 16 7.46 -16.65 -36.59
N GLN B 17 6.40 -17.24 -37.14
CA GLN B 17 5.07 -16.74 -36.80
C GLN B 17 4.69 -17.15 -35.37
N LEU B 18 5.13 -18.34 -34.94
CA LEU B 18 4.92 -18.78 -33.57
C LEU B 18 5.54 -17.73 -32.61
N LEU B 19 6.77 -17.33 -32.91
CA LEU B 19 7.50 -16.42 -32.05
C LEU B 19 6.80 -15.08 -32.02
N GLU B 20 6.35 -14.59 -33.18
CA GLU B 20 5.80 -13.23 -33.23
C GLU B 20 4.50 -13.25 -32.44
N ARG B 21 3.77 -14.35 -32.56
CA ARG B 21 2.51 -14.51 -31.87
C ARG B 21 2.70 -14.58 -30.34
N LEU B 22 3.66 -15.41 -29.87
CA LEU B 22 3.95 -15.44 -28.41
C LEU B 22 4.32 -14.06 -27.90
N GLU B 23 5.18 -13.40 -28.68
CA GLU B 23 5.66 -12.07 -28.31
C GLU B 23 4.49 -11.07 -28.22
N ALA B 24 3.62 -11.09 -29.22
CA ALA B 24 2.51 -10.13 -29.30
C ALA B 24 1.54 -10.36 -28.14
N ALA B 25 1.30 -11.61 -27.77
CA ALA B 25 0.41 -11.93 -26.65
C ALA B 25 1.05 -11.49 -25.33
N LYS B 26 2.35 -11.65 -25.20
CA LYS B 26 3.04 -11.25 -23.96
C LYS B 26 3.05 -9.73 -23.79
N LYS B 27 3.29 -9.01 -24.88
CA LYS B 27 3.25 -7.55 -24.85
C LYS B 27 1.85 -7.00 -24.56
N GLU B 28 0.80 -7.64 -25.08
CA GLU B 28 -0.56 -7.13 -24.85
C GLU B 28 -0.94 -7.40 -23.36
N ALA B 29 -0.65 -8.60 -22.86
CA ALA B 29 -0.83 -8.90 -21.44
C ALA B 29 -0.12 -7.87 -20.53
N GLU B 30 1.14 -7.60 -20.81
CA GLU B 30 1.93 -6.70 -19.99
C GLU B 30 1.32 -5.30 -20.01
N GLU B 31 0.92 -4.83 -21.19
CA GLU B 31 0.30 -3.52 -21.29
C GLU B 31 -0.98 -3.45 -20.47
N ARG B 32 -1.79 -4.50 -20.47
CA ARG B 32 -3.05 -4.41 -19.73
C ARG B 32 -2.74 -4.19 -18.28
N VAL B 33 -1.77 -4.96 -17.76
CA VAL B 33 -1.48 -4.90 -16.33
C VAL B 33 -0.75 -3.58 -15.97
N LYS B 34 0.15 -3.11 -16.82
CA LYS B 34 0.88 -1.87 -16.55
C LYS B 34 -0.05 -0.68 -16.60
N ARG B 35 -1.03 -0.74 -17.49
CA ARG B 35 -2.04 0.33 -17.60
C ARG B 35 -2.82 0.38 -16.30
N ALA B 36 -3.25 -0.78 -15.81
CA ALA B 36 -4.07 -0.82 -14.60
C ALA B 36 -3.24 -0.37 -13.40
N GLU B 37 -1.97 -0.77 -13.37
CA GLU B 37 -1.06 -0.41 -12.26
C GLU B 37 -0.85 1.11 -12.20
N ALA B 38 -0.64 1.74 -13.36
CA ALA B 38 -0.51 3.20 -13.43
C ALA B 38 -1.78 3.93 -13.03
N GLU B 39 -2.92 3.46 -13.54
CA GLU B 39 -4.21 4.08 -13.16
C GLU B 39 -4.42 3.96 -11.66
N ALA B 40 -4.03 2.83 -11.08
CA ALA B 40 -4.12 2.61 -9.65
C ALA B 40 -3.27 3.62 -8.86
N LYS B 41 -2.02 3.79 -9.30
CA LYS B 41 -1.04 4.67 -8.67
C LYS B 41 -1.52 6.12 -8.68
N ALA B 42 -2.19 6.52 -9.77
CA ALA B 42 -2.75 7.87 -9.91
C ALA B 42 -3.96 8.05 -8.99
N LEU B 43 -4.80 7.01 -8.90
CA LEU B 43 -5.95 7.01 -8.00
C LEU B 43 -5.47 7.25 -6.57
N LEU B 44 -4.46 6.51 -6.14
CA LEU B 44 -3.98 6.63 -4.75
C LEU B 44 -3.23 7.93 -4.49
N GLU B 45 -2.42 8.37 -5.45
CA GLU B 45 -1.79 9.69 -5.38
C GLU B 45 -2.81 10.83 -5.28
N GLU B 46 -3.91 10.73 -6.02
CA GLU B 46 -4.99 11.72 -5.93
C GLU B 46 -5.63 11.73 -4.54
N ALA B 47 -5.92 10.53 -4.04
CA ALA B 47 -6.48 10.37 -2.70
C ALA B 47 -5.57 10.93 -1.59
N GLU B 48 -4.26 10.70 -1.70
CA GLU B 48 -3.32 11.33 -0.77
C GLU B 48 -3.40 12.85 -0.84
N ALA B 49 -3.50 13.39 -2.06
CA ALA B 49 -3.64 14.83 -2.23
C ALA B 49 -4.90 15.38 -1.57
N LYS B 50 -6.04 14.73 -1.75
CA LYS B 50 -7.26 15.19 -1.07
C LYS B 50 -6.98 15.16 0.44
N ALA B 51 -6.37 14.09 0.92
CA ALA B 51 -6.10 13.96 2.35
C ALA B 51 -5.25 15.10 2.86
N LYS B 52 -4.24 15.48 2.08
CA LYS B 52 -3.35 16.58 2.46
C LYS B 52 -4.04 17.94 2.38
N ALA B 53 -4.98 18.09 1.46
CA ALA B 53 -5.76 19.33 1.43
C ALA B 53 -6.64 19.43 2.66
N LEU B 54 -7.28 18.33 3.01
CA LEU B 54 -8.13 18.27 4.18
C LEU B 54 -7.32 18.55 5.46
N GLU B 55 -6.16 17.93 5.58
CA GLU B 55 -5.23 18.24 6.66
C GLU B 55 -4.90 19.73 6.76
N ALA B 56 -4.56 20.36 5.63
CA ALA B 56 -4.21 21.79 5.62
C ALA B 56 -5.37 22.62 6.13
N GLN B 57 -6.60 22.25 5.74
CA GLN B 57 -7.79 22.97 6.20
C GLN B 57 -7.95 22.88 7.71
N TYR B 58 -7.78 21.67 8.22
CA TYR B 58 -7.77 21.44 9.66
C TYR B 58 -6.67 22.23 10.40
N ARG B 59 -5.47 22.27 9.83
CA ARG B 59 -4.35 23.04 10.39
C ARG B 59 -4.71 24.54 10.47
N GLU B 60 -5.26 25.11 9.40
CA GLU B 60 -5.63 26.51 9.44
C GLU B 60 -6.71 26.78 10.50
N ARG B 61 -7.70 25.88 10.60
CA ARG B 61 -8.82 26.03 11.54
C ARG B 61 -8.34 25.92 13.00
N GLU B 62 -7.39 25.01 13.26
CA GLU B 62 -6.77 24.89 14.57
C GLU B 62 -6.11 26.18 15.01
N ARG B 63 -5.27 26.77 14.15
CA ARG B 63 -4.60 28.02 14.46
C ARG B 63 -5.61 29.12 14.81
N ALA B 64 -6.57 29.32 13.92
CA ALA B 64 -7.58 30.36 14.09
C ALA B 64 -8.41 30.16 15.35
N GLU B 65 -8.87 28.94 15.61
CA GLU B 65 -9.74 28.69 16.77
C GLU B 65 -9.00 28.75 18.11
N THR B 66 -7.77 28.26 18.14
CA THR B 66 -6.88 28.38 19.29
C THR B 66 -6.57 29.84 19.64
N GLU B 67 -6.34 30.68 18.64
CA GLU B 67 -6.09 32.09 18.87
C GLU B 67 -7.34 32.80 19.36
N ALA B 68 -8.46 32.51 18.72
CA ALA B 68 -9.70 33.17 19.12
C ALA B 68 -10.09 32.73 20.54
N LEU B 69 -9.88 31.47 20.86
CA LEU B 69 -10.14 30.94 22.22
C LEU B 69 -9.22 31.52 23.29
N LEU B 70 -7.91 31.61 23.02
CA LEU B 70 -7.04 32.28 23.98
C LEU B 70 -7.33 33.76 24.15
N ALA B 71 -7.81 34.41 23.09
CA ALA B 71 -8.31 35.77 23.24
C ALA B 71 -9.54 35.87 24.13
N ARG B 72 -10.54 35.02 23.94
CA ARG B 72 -11.71 35.04 24.83
C ARG B 72 -11.31 34.82 26.28
N TYR B 73 -10.34 33.92 26.51
CA TYR B 73 -9.97 33.55 27.87
C TYR B 73 -9.17 34.67 28.55
N ARG B 74 -8.37 35.39 27.77
CA ARG B 74 -7.64 36.54 28.28
C ARG B 74 -8.63 37.56 28.78
N GLU B 75 -9.69 37.77 28.00
CA GLU B 75 -10.70 38.73 28.39
C GLU B 75 -11.42 38.25 29.65
N ARG B 76 -11.69 36.96 29.74
CA ARG B 76 -12.23 36.37 30.98
C ARG B 76 -11.29 36.51 32.20
N ALA B 77 -9.99 36.41 31.94
CA ALA B 77 -8.93 36.58 32.94
C ALA B 77 -8.91 38.01 33.47
N GLU B 78 -8.91 38.98 32.56
CA GLU B 78 -8.98 40.38 32.96
C GLU B 78 -10.18 40.61 33.88
N ALA B 79 -11.35 40.13 33.45
CA ALA B 79 -12.57 40.36 34.24
C ALA B 79 -12.51 39.69 35.63
N GLU B 80 -11.91 38.50 35.70
CA GLU B 80 -11.85 37.71 36.93
C GLU B 80 -10.91 38.41 37.91
N ALA B 81 -9.84 39.00 37.39
CA ALA B 81 -8.89 39.76 38.18
C ALA B 81 -9.65 40.94 38.80
N LYS B 82 -10.44 41.63 37.98
CA LYS B 82 -11.22 42.75 38.50
C LYS B 82 -12.15 42.27 39.60
N ALA B 83 -12.80 41.12 39.42
CA ALA B 83 -13.72 40.63 40.44
C ALA B 83 -12.99 40.37 41.76
N VAL B 84 -11.80 39.79 41.67
CA VAL B 84 -10.97 39.57 42.84
C VAL B 84 -10.71 40.86 43.63
N ARG B 85 -10.25 41.90 42.93
CA ARG B 85 -9.98 43.16 43.61
C ARG B 85 -11.29 43.74 44.22
N GLU B 86 -12.33 43.80 43.39
CA GLU B 86 -13.60 44.34 43.85
C GLU B 86 -14.10 43.62 45.12
N LYS B 87 -14.05 42.30 45.14
CA LYS B 87 -14.54 41.57 46.31
C LYS B 87 -13.65 41.76 47.55
N ALA B 88 -12.35 41.91 47.37
CA ALA B 88 -11.44 42.22 48.47
C ALA B 88 -11.68 43.61 49.07
N MET B 89 -12.02 44.59 48.24
CA MET B 89 -12.28 45.94 48.75
C MET B 89 -13.31 46.00 49.91
N ALA B 90 -14.37 45.20 49.82
CA ALA B 90 -15.39 45.11 50.87
C ALA B 90 -14.84 44.78 52.27
N ARG B 91 -13.85 43.89 52.37
CA ARG B 91 -13.37 43.44 53.67
C ARG B 91 -11.92 43.87 53.95
N LEU B 92 -11.36 44.74 53.12
CA LEU B 92 -10.04 45.31 53.34
C LEU B 92 -9.83 45.71 54.80
N ASP B 93 -10.76 46.47 55.36
CA ASP B 93 -10.63 47.00 56.73
C ASP B 93 -10.41 45.87 57.71
N GLU B 94 -11.26 44.85 57.59
CA GLU B 94 -11.22 43.67 58.44
C GLU B 94 -9.87 42.94 58.32
N ALA B 95 -9.35 42.83 57.10
CA ALA B 95 -8.07 42.16 56.86
C ALA B 95 -6.92 42.87 57.57
N VAL B 96 -6.86 44.20 57.44
CA VAL B 96 -5.85 45.01 58.10
C VAL B 96 -5.92 44.90 59.66
N ALA B 97 -7.14 44.96 60.19
CA ALA B 97 -7.32 44.81 61.65
C ALA B 97 -6.92 43.39 62.09
N LEU B 98 -7.21 42.40 61.24
CA LEU B 98 -6.83 41.02 61.49
C LEU B 98 -5.31 40.86 61.63
N VAL B 99 -4.57 41.38 60.66
CA VAL B 99 -3.12 41.31 60.73
C VAL B 99 -2.57 42.04 61.94
N LEU B 100 -3.03 43.28 62.16
CA LEU B 100 -2.58 44.06 63.32
C LEU B 100 -2.87 43.32 64.62
N LYS B 101 -4.06 42.73 64.74
CA LYS B 101 -4.35 41.87 65.90
C LYS B 101 -3.35 40.68 66.05
N GLU B 102 -3.00 40.01 64.95
CA GLU B 102 -2.07 38.90 65.04
C GLU B 102 -0.66 39.34 65.40
N VAL B 103 -0.29 40.54 64.98
CA VAL B 103 1.10 40.98 65.07
C VAL B 103 1.36 41.71 66.39
N LEU B 104 0.36 42.41 66.89
CA LEU B 104 0.54 43.11 68.17
C LEU B 104 0.44 42.15 69.37
N PRO B 105 1.11 42.49 70.49
CA PRO B 105 1.11 41.73 71.75
C PRO B 105 -0.13 41.89 72.63
N LEU C 7 -0.27 44.30 35.71
CA LEU C 7 -0.67 42.88 35.68
C LEU C 7 -1.20 42.49 34.32
N ILE C 8 -1.89 43.42 33.66
CA ILE C 8 -2.41 43.19 32.32
C ILE C 8 -1.29 42.89 31.31
N LYS C 9 -0.12 43.49 31.52
CA LYS C 9 1.04 43.22 30.67
C LYS C 9 1.56 41.80 30.94
N SER C 10 1.40 41.32 32.17
CA SER C 10 1.69 39.94 32.52
C SER C 10 0.77 38.95 31.80
N LEU C 11 -0.51 39.30 31.66
CA LEU C 11 -1.48 38.43 30.99
C LEU C 11 -1.18 38.37 29.50
N ALA C 12 -0.68 39.47 28.98
CA ALA C 12 -0.30 39.55 27.58
C ALA C 12 0.95 38.72 27.29
N GLU C 13 1.94 38.82 28.18
CA GLU C 13 3.11 37.94 28.12
C GLU C 13 2.78 36.47 28.33
N LYS C 14 1.83 36.17 29.22
CA LYS C 14 1.49 34.77 29.51
C LYS C 14 0.65 34.17 28.38
N GLU C 15 -0.22 34.98 27.77
CA GLU C 15 -0.96 34.52 26.60
C GLU C 15 0.01 34.21 25.46
N LYS C 16 1.01 35.08 25.26
CA LYS C 16 2.03 34.88 24.21
C LYS C 16 2.86 33.62 24.44
N GLN C 17 3.31 33.40 25.67
CA GLN C 17 4.05 32.16 25.99
C GLN C 17 3.23 30.89 25.76
N LEU C 18 1.93 30.95 26.06
CA LEU C 18 1.05 29.78 25.90
C LEU C 18 0.82 29.51 24.41
N LEU C 19 0.69 30.57 23.62
CA LEU C 19 0.50 30.40 22.20
C LEU C 19 1.74 29.84 21.54
N GLU C 20 2.90 30.36 21.95
CA GLU C 20 4.20 29.89 21.45
C GLU C 20 4.40 28.42 21.82
N ARG C 21 3.92 28.05 22.98
CA ARG C 21 4.12 26.73 23.53
C ARG C 21 3.27 25.73 22.74
N LEU C 22 2.01 26.12 22.52
CA LEU C 22 1.13 25.21 21.77
C LEU C 22 1.66 25.09 20.33
N GLU C 23 1.92 26.23 19.71
CA GLU C 23 2.45 26.26 18.35
C GLU C 23 3.68 25.36 18.24
N ALA C 24 4.64 25.50 19.15
CA ALA C 24 5.87 24.69 19.05
C ALA C 24 5.54 23.21 19.15
N ALA C 25 4.76 22.84 20.17
CA ALA C 25 4.35 21.44 20.32
C ALA C 25 3.76 20.87 19.03
N LYS C 26 2.88 21.63 18.37
CA LYS C 26 2.19 21.10 17.21
C LYS C 26 3.16 20.99 16.02
N LYS C 27 4.04 21.98 15.87
CA LYS C 27 4.99 22.00 14.77
C LYS C 27 5.93 20.80 14.89
N GLU C 28 6.42 20.54 16.10
CA GLU C 28 7.30 19.39 16.40
C GLU C 28 6.59 18.07 16.16
N ALA C 29 5.34 17.96 16.61
CA ALA C 29 4.55 16.78 16.32
C ALA C 29 4.43 16.56 14.81
N GLU C 30 3.99 17.58 14.08
CA GLU C 30 3.82 17.45 12.62
C GLU C 30 5.13 17.11 11.89
N GLU C 31 6.24 17.62 12.39
CA GLU C 31 7.54 17.35 11.78
C GLU C 31 7.93 15.88 11.96
N ARG C 32 7.77 15.34 13.17
CA ARG C 32 8.08 13.92 13.37
C ARG C 32 7.30 13.05 12.38
N VAL C 33 5.99 13.28 12.29
CA VAL C 33 5.11 12.41 11.52
C VAL C 33 5.40 12.57 10.03
N LYS C 34 5.60 13.79 9.58
CA LYS C 34 5.89 14.04 8.18
C LYS C 34 7.22 13.43 7.73
N ARG C 35 8.22 13.52 8.61
CA ARG C 35 9.52 12.92 8.39
C ARG C 35 9.34 11.40 8.23
N ALA C 36 8.57 10.81 9.13
CA ALA C 36 8.32 9.38 9.07
C ALA C 36 7.64 9.02 7.75
N GLU C 37 6.66 9.81 7.32
CA GLU C 37 5.93 9.55 6.07
C GLU C 37 6.90 9.58 4.90
N ALA C 38 7.76 10.59 4.90
CA ALA C 38 8.79 10.76 3.90
C ALA C 38 9.64 9.50 3.80
N GLU C 39 10.11 9.00 4.95
CA GLU C 39 10.87 7.75 4.96
C GLU C 39 10.06 6.56 4.42
N ALA C 40 8.78 6.47 4.77
CA ALA C 40 7.94 5.32 4.39
C ALA C 40 7.78 5.28 2.88
N LYS C 41 7.52 6.45 2.30
CA LYS C 41 7.49 6.57 0.86
C LYS C 41 8.82 6.12 0.24
N ALA C 42 9.95 6.58 0.76
CA ALA C 42 11.24 6.25 0.15
C ALA C 42 11.43 4.72 0.16
N LEU C 43 11.03 4.09 1.25
CA LEU C 43 11.22 2.66 1.38
C LEU C 43 10.40 1.94 0.34
N LEU C 44 9.16 2.38 0.17
CA LEU C 44 8.29 1.77 -0.84
C LEU C 44 8.81 2.00 -2.26
N GLU C 45 9.35 3.17 -2.51
CA GLU C 45 9.84 3.46 -3.85
C GLU C 45 11.07 2.62 -4.15
N GLU C 46 11.86 2.35 -3.12
CA GLU C 46 13.04 1.52 -3.33
C GLU C 46 12.61 0.08 -3.58
N ALA C 47 11.67 -0.44 -2.80
CA ALA C 47 11.08 -1.75 -3.06
C ALA C 47 10.48 -1.86 -4.46
N GLU C 48 9.76 -0.85 -4.88
CA GLU C 48 9.14 -0.93 -6.19
C GLU C 48 10.22 -0.96 -7.27
N ALA C 49 11.26 -0.13 -7.10
CA ALA C 49 12.41 -0.12 -8.04
C ALA C 49 13.05 -1.49 -8.12
N LYS C 50 13.20 -2.16 -6.98
CA LYS C 50 13.74 -3.53 -7.01
C LYS C 50 12.87 -4.54 -7.72
N ALA C 51 11.56 -4.43 -7.52
CA ALA C 51 10.60 -5.32 -8.14
C ALA C 51 10.59 -5.10 -9.66
N LYS C 52 10.78 -3.87 -10.11
CA LYS C 52 10.77 -3.56 -11.53
C LYS C 52 12.05 -4.03 -12.23
N ALA C 53 13.18 -3.90 -11.55
CA ALA C 53 14.41 -4.46 -12.11
C ALA C 53 14.26 -5.96 -12.21
N LEU C 54 13.65 -6.57 -11.20
CA LEU C 54 13.44 -8.04 -11.22
C LEU C 54 12.55 -8.44 -12.39
N GLU C 55 11.51 -7.62 -12.66
CA GLU C 55 10.64 -7.86 -13.81
C GLU C 55 11.44 -7.80 -15.08
N ALA C 56 12.31 -6.79 -15.19
CA ALA C 56 13.14 -6.67 -16.38
C ALA C 56 14.03 -7.92 -16.54
N GLN C 57 14.59 -8.44 -15.44
CA GLN C 57 15.50 -9.59 -15.56
C GLN C 57 14.76 -10.82 -16.02
N TYR C 58 13.58 -11.05 -15.47
CA TYR C 58 12.74 -12.12 -15.98
C TYR C 58 12.37 -11.92 -17.46
N ARG C 59 12.02 -10.70 -17.85
CA ARG C 59 11.64 -10.43 -19.22
C ARG C 59 12.78 -10.75 -20.17
N GLU C 60 14.01 -10.35 -19.82
CA GLU C 60 15.18 -10.65 -20.65
C GLU C 60 15.27 -12.16 -20.82
N ARG C 61 15.22 -12.87 -19.70
CA ARG C 61 15.42 -14.31 -19.69
C ARG C 61 14.31 -15.01 -20.49
N GLU C 62 13.03 -14.63 -20.31
CA GLU C 62 11.94 -15.21 -21.14
C GLU C 62 12.18 -15.07 -22.63
N ARG C 63 12.49 -13.86 -23.09
CA ARG C 63 12.75 -13.63 -24.52
C ARG C 63 13.87 -14.52 -25.02
N ALA C 64 14.98 -14.55 -24.28
CA ALA C 64 16.14 -15.33 -24.74
C ALA C 64 15.87 -16.83 -24.75
N GLU C 65 15.25 -17.35 -23.69
CA GLU C 65 14.92 -18.78 -23.61
C GLU C 65 13.80 -19.22 -24.55
N THR C 66 12.84 -18.33 -24.83
CA THR C 66 11.78 -18.68 -25.80
C THR C 66 12.35 -18.79 -27.19
N GLU C 67 13.19 -17.83 -27.54
CA GLU C 67 13.80 -17.83 -28.87
C GLU C 67 14.72 -19.03 -29.01
N ALA C 68 15.48 -19.33 -27.97
CA ALA C 68 16.40 -20.48 -28.07
C ALA C 68 15.63 -21.80 -28.12
N LEU C 69 14.56 -21.90 -27.33
CA LEU C 69 13.75 -23.11 -27.29
C LEU C 69 13.09 -23.37 -28.66
N LEU C 70 12.49 -22.33 -29.25
CA LEU C 70 11.89 -22.48 -30.56
C LEU C 70 12.92 -22.90 -31.62
N ALA C 71 14.14 -22.37 -31.54
CA ALA C 71 15.18 -22.79 -32.49
C ALA C 71 15.56 -24.25 -32.30
N ARG C 72 15.58 -24.70 -31.06
CA ARG C 72 15.93 -26.10 -30.80
C ARG C 72 14.85 -27.03 -31.34
N TYR C 73 13.58 -26.66 -31.13
CA TYR C 73 12.49 -27.45 -31.67
C TYR C 73 12.43 -27.42 -33.20
N ARG C 74 12.84 -26.33 -33.82
CA ARG C 74 12.89 -26.21 -35.27
C ARG C 74 13.91 -27.20 -35.84
N GLU C 75 15.11 -27.24 -35.24
CA GLU C 75 16.12 -28.25 -35.59
C GLU C 75 15.61 -29.68 -35.36
N ARG C 76 14.91 -29.90 -34.25
CA ARG C 76 14.28 -31.20 -33.99
C ARG C 76 13.22 -31.54 -35.06
N ALA C 77 12.50 -30.51 -35.52
CA ALA C 77 11.52 -30.67 -36.59
C ALA C 77 12.15 -31.08 -37.91
N GLU C 78 13.25 -30.42 -38.28
CA GLU C 78 13.96 -30.77 -39.48
C GLU C 78 14.45 -32.21 -39.35
N ALA C 79 15.06 -32.56 -38.22
CA ALA C 79 15.58 -33.92 -38.07
C ALA C 79 14.43 -34.90 -38.20
N GLU C 80 13.25 -34.49 -37.72
CA GLU C 80 12.09 -35.36 -37.76
C GLU C 80 11.53 -35.56 -39.18
N ALA C 81 11.46 -34.49 -39.98
CA ALA C 81 11.01 -34.62 -41.37
C ALA C 81 11.95 -35.60 -42.12
N LYS C 82 13.25 -35.43 -41.91
CA LYS C 82 14.27 -36.24 -42.55
C LYS C 82 14.17 -37.69 -42.08
N ALA C 83 13.80 -37.92 -40.82
CA ALA C 83 13.60 -39.29 -40.35
C ALA C 83 12.41 -39.93 -41.02
N VAL C 84 11.32 -39.17 -41.16
CA VAL C 84 10.18 -39.66 -41.94
C VAL C 84 10.55 -40.13 -43.35
N ARG C 85 11.18 -39.27 -44.15
CA ARG C 85 11.58 -39.63 -45.52
C ARG C 85 12.55 -40.81 -45.57
N GLU C 86 13.54 -40.82 -44.69
CA GLU C 86 14.52 -41.91 -44.65
C GLU C 86 13.85 -43.22 -44.27
N LYS C 87 12.82 -43.17 -43.42
CA LYS C 87 12.14 -44.39 -43.01
C LYS C 87 11.32 -44.91 -44.16
N ALA C 88 10.81 -43.98 -44.97
CA ALA C 88 9.95 -44.30 -46.10
C ALA C 88 10.71 -44.94 -47.26
N MET C 89 11.88 -44.41 -47.58
CA MET C 89 12.60 -44.77 -48.78
C MET C 89 12.90 -46.26 -48.81
N ALA C 90 13.03 -46.84 -47.61
CA ALA C 90 13.28 -48.28 -47.47
C ALA C 90 12.16 -49.14 -48.06
N ARG C 91 10.91 -48.73 -47.83
CA ARG C 91 9.76 -49.54 -48.23
C ARG C 91 8.88 -48.98 -49.36
N LEU C 92 9.42 -48.08 -50.17
CA LEU C 92 8.62 -47.37 -51.18
C LEU C 92 8.09 -48.39 -52.18
N ASP C 93 8.92 -49.36 -52.55
CA ASP C 93 8.51 -50.31 -53.57
C ASP C 93 7.40 -51.22 -53.04
N GLU C 94 7.55 -51.66 -51.80
CA GLU C 94 6.54 -52.50 -51.15
C GLU C 94 5.19 -51.77 -51.10
N ALA C 95 5.24 -50.47 -50.84
CA ALA C 95 4.06 -49.62 -50.75
C ALA C 95 3.38 -49.44 -52.09
N VAL C 96 4.16 -49.11 -53.11
CA VAL C 96 3.61 -49.02 -54.45
C VAL C 96 2.85 -50.32 -54.79
N ALA C 97 3.46 -51.46 -54.46
CA ALA C 97 2.87 -52.75 -54.79
C ALA C 97 1.58 -52.94 -54.01
N LEU C 98 1.50 -52.38 -52.80
CA LEU C 98 0.26 -52.40 -52.02
C LEU C 98 -0.84 -51.65 -52.73
N VAL C 99 -0.60 -50.40 -53.10
CA VAL C 99 -1.63 -49.62 -53.79
C VAL C 99 -2.05 -50.32 -55.10
N LEU C 100 -1.09 -50.89 -55.82
CA LEU C 100 -1.44 -51.59 -57.05
C LEU C 100 -2.34 -52.80 -56.79
N LYS C 101 -2.00 -53.59 -55.78
CA LYS C 101 -2.81 -54.74 -55.39
C LYS C 101 -4.24 -54.30 -55.08
N GLU C 102 -4.39 -53.10 -54.53
CA GLU C 102 -5.69 -52.58 -54.09
C GLU C 102 -6.48 -51.92 -55.23
N VAL C 103 -5.78 -51.30 -56.18
CA VAL C 103 -6.41 -50.66 -57.32
C VAL C 103 -6.72 -51.63 -58.47
N LEU C 104 -5.91 -52.66 -58.61
CA LEU C 104 -6.13 -53.64 -59.68
C LEU C 104 -7.21 -54.62 -59.28
N PRO C 105 -8.10 -54.98 -60.23
CA PRO C 105 -9.11 -56.00 -59.95
C PRO C 105 -8.42 -57.34 -59.72
CA SER D 1 -3.05 28.18 44.16
C SER D 1 -2.78 26.75 43.65
N LYS D 2 -3.44 25.77 44.28
CA LYS D 2 -3.36 24.39 43.85
C LYS D 2 -3.94 24.27 42.45
N LEU D 3 -5.05 24.97 42.23
CA LEU D 3 -5.74 24.92 40.96
C LEU D 3 -4.83 25.41 39.82
N GLU D 4 -4.16 26.53 40.02
CA GLU D 4 -3.15 26.98 39.06
C GLU D 4 -2.11 25.90 38.76
N ALA D 5 -1.61 25.23 39.80
CA ALA D 5 -0.62 24.15 39.66
C ALA D 5 -1.16 22.96 38.85
N ILE D 6 -2.41 22.59 39.11
CA ILE D 6 -3.14 21.55 38.37
C ILE D 6 -3.24 21.89 36.89
N LEU D 7 -3.74 23.10 36.62
CA LEU D 7 -3.98 23.55 35.28
C LEU D 7 -2.67 23.63 34.50
N SER D 8 -1.61 23.96 35.20
CA SER D 8 -0.29 24.06 34.60
C SER D 8 0.24 22.65 34.26
N GLN D 9 0.16 21.74 35.22
CA GLN D 9 0.48 20.33 34.97
C GLN D 9 -0.35 19.75 33.83
N GLU D 10 -1.61 20.16 33.74
CA GLU D 10 -2.52 19.62 32.73
C GLU D 10 -2.14 20.06 31.31
N VAL D 11 -1.75 21.31 31.15
CA VAL D 11 -1.23 21.80 29.87
C VAL D 11 0.03 21.03 29.48
N GLU D 12 1.00 20.99 30.38
CA GLU D 12 2.25 20.27 30.09
C GLU D 12 1.98 18.81 29.70
N ALA D 13 1.06 18.13 30.37
CA ALA D 13 0.75 16.74 30.06
C ALA D 13 0.08 16.60 28.69
N GLU D 14 -0.77 17.55 28.34
CA GLU D 14 -1.40 17.51 27.03
C GLU D 14 -0.31 17.62 25.97
N ILE D 15 0.64 18.51 26.19
CA ILE D 15 1.70 18.70 25.20
C ILE D 15 2.53 17.42 25.09
N GLN D 16 2.88 16.85 26.25
CA GLN D 16 3.64 15.62 26.32
C GLN D 16 2.89 14.46 25.66
N ALA D 17 1.58 14.31 25.89
CA ALA D 17 0.84 13.26 25.19
C ALA D 17 0.86 13.45 23.66
N LEU D 18 0.65 14.69 23.22
CA LEU D 18 0.74 15.06 21.81
C LEU D 18 2.08 14.58 21.23
N LEU D 19 3.18 14.92 21.89
CA LEU D 19 4.48 14.49 21.40
C LEU D 19 4.70 12.98 21.39
N GLN D 20 4.36 12.30 22.47
CA GLN D 20 4.48 10.83 22.52
C GLN D 20 3.62 10.10 21.46
N GLU D 21 2.40 10.59 21.25
CA GLU D 21 1.51 10.05 20.20
C GLU D 21 2.08 10.28 18.80
N ALA D 22 2.73 11.43 18.59
CA ALA D 22 3.33 11.75 17.30
C ALA D 22 4.47 10.79 17.05
N GLU D 23 5.31 10.59 18.05
CA GLU D 23 6.43 9.66 17.97
C GLU D 23 5.96 8.22 17.74
N ALA D 24 4.91 7.79 18.44
CA ALA D 24 4.39 6.42 18.26
C ALA D 24 3.82 6.27 16.86
N LYS D 25 3.14 7.30 16.37
CA LYS D 25 2.64 7.29 15.02
C LYS D 25 3.77 7.15 14.01
N ALA D 26 4.83 7.93 14.17
CA ALA D 26 5.97 7.86 13.28
C ALA D 26 6.54 6.44 13.22
N GLU D 27 6.69 5.81 14.39
CA GLU D 27 7.32 4.49 14.44
C GLU D 27 6.40 3.47 13.76
N ALA D 28 5.09 3.61 13.93
CA ALA D 28 4.12 2.71 13.31
C ALA D 28 4.07 2.88 11.80
N VAL D 29 4.11 4.14 11.33
CA VAL D 29 4.29 4.37 9.89
C VAL D 29 5.53 3.69 9.32
N LYS D 30 6.67 3.81 9.99
CA LYS D 30 7.91 3.23 9.48
C LYS D 30 7.79 1.70 9.44
N ARG D 31 7.35 1.10 10.55
CA ARG D 31 7.22 -0.35 10.64
C ARG D 31 6.31 -0.85 9.52
N GLU D 32 5.16 -0.17 9.37
CA GLU D 32 4.20 -0.56 8.32
C GLU D 32 4.82 -0.53 6.91
N ALA D 33 5.58 0.54 6.62
CA ALA D 33 6.25 0.67 5.31
C ALA D 33 7.26 -0.46 5.11
N GLU D 34 8.06 -0.75 6.14
CA GLU D 34 9.08 -1.82 6.07
C GLU D 34 8.49 -3.21 5.78
N GLU D 35 7.43 -3.55 6.49
CA GLU D 35 6.72 -4.82 6.29
C GLU D 35 6.06 -4.88 4.92
N LYS D 36 5.49 -3.78 4.47
CA LYS D 36 4.83 -3.77 3.17
C LYS D 36 5.87 -3.93 2.08
N ALA D 37 7.00 -3.24 2.20
CA ALA D 37 8.06 -3.36 1.22
C ALA D 37 8.47 -4.83 1.11
N LYS D 38 8.75 -5.48 2.23
CA LYS D 38 9.20 -6.88 2.21
C LYS D 38 8.14 -7.77 1.58
N ALA D 39 6.90 -7.62 2.00
CA ALA D 39 5.83 -8.46 1.46
C ALA D 39 5.68 -8.29 -0.04
N LEU D 40 5.70 -7.06 -0.51
CA LEU D 40 5.43 -6.77 -1.93
C LEU D 40 6.53 -7.37 -2.76
N LEU D 41 7.76 -7.23 -2.31
CA LEU D 41 8.88 -7.74 -3.06
C LEU D 41 8.82 -9.28 -3.13
N GLN D 42 8.44 -9.95 -2.04
CA GLN D 42 8.37 -11.41 -2.02
C GLN D 42 7.25 -11.89 -2.92
N ALA D 43 6.07 -11.29 -2.80
CA ALA D 43 4.88 -11.65 -3.60
C ALA D 43 5.17 -11.49 -5.09
N ARG D 44 5.87 -10.42 -5.43
CA ARG D 44 6.19 -10.14 -6.82
C ARG D 44 7.16 -11.20 -7.33
N GLU D 45 8.13 -11.58 -6.49
CA GLU D 45 9.07 -12.60 -6.95
C GLU D 45 8.35 -13.93 -7.24
N ARG D 46 7.41 -14.31 -6.38
CA ARG D 46 6.73 -15.60 -6.56
C ARG D 46 5.91 -15.55 -7.84
N ALA D 47 5.25 -14.42 -8.08
CA ALA D 47 4.35 -14.23 -9.19
C ALA D 47 5.14 -14.24 -10.50
N LEU D 48 6.31 -13.60 -10.51
CA LEU D 48 7.19 -13.59 -11.69
C LEU D 48 7.70 -15.00 -11.99
N GLU D 49 7.97 -15.76 -10.94
CA GLU D 49 8.47 -17.10 -11.16
C GLU D 49 7.36 -17.95 -11.79
N ALA D 50 6.13 -17.75 -11.29
CA ALA D 50 4.95 -18.42 -11.91
C ALA D 50 4.79 -18.06 -13.40
N GLN D 51 4.84 -16.77 -13.69
CA GLN D 51 4.66 -16.30 -15.07
C GLN D 51 5.73 -16.86 -16.01
N TYR D 52 6.96 -16.94 -15.51
CA TYR D 52 8.08 -17.50 -16.27
C TYR D 52 7.85 -18.98 -16.58
N ARG D 53 7.42 -19.76 -15.59
CA ARG D 53 7.18 -21.17 -15.84
C ARG D 53 6.12 -21.27 -16.95
N ALA D 54 5.00 -20.55 -16.82
CA ALA D 54 3.93 -20.56 -17.85
C ALA D 54 4.46 -20.16 -19.23
N ALA D 55 5.35 -19.17 -19.28
CA ALA D 55 5.93 -18.68 -20.53
C ALA D 55 6.74 -19.76 -21.26
N LEU D 56 7.56 -20.47 -20.50
CA LEU D 56 8.34 -21.60 -21.00
C LEU D 56 7.44 -22.76 -21.43
N ARG D 57 6.36 -22.98 -20.68
CA ARG D 57 5.42 -24.03 -21.00
C ARG D 57 4.79 -23.74 -22.39
N ARG D 58 4.34 -22.51 -22.60
CA ARG D 58 3.71 -22.24 -23.89
C ARG D 58 4.71 -22.21 -25.05
N ALA D 59 5.95 -21.86 -24.75
CA ALA D 59 6.98 -21.87 -25.78
C ALA D 59 7.21 -23.34 -26.24
N GLU D 60 7.25 -24.25 -25.28
CA GLU D 60 7.44 -25.65 -25.56
C GLU D 60 6.25 -26.23 -26.31
N SER D 61 5.04 -25.80 -25.96
CA SER D 61 3.88 -26.16 -26.78
C SER D 61 4.06 -25.73 -28.25
N ALA D 62 4.57 -24.52 -28.45
CA ALA D 62 4.80 -24.03 -29.82
C ALA D 62 5.86 -24.86 -30.54
N GLY D 63 6.94 -25.21 -29.85
CA GLY D 63 8.01 -26.00 -30.47
C GLY D 63 7.52 -27.39 -30.86
N GLU D 64 6.75 -28.02 -30.00
CA GLU D 64 6.21 -29.34 -30.26
C GLU D 64 5.30 -29.25 -31.46
N LEU D 65 4.52 -28.18 -31.56
CA LEU D 65 3.68 -27.96 -32.74
C LEU D 65 4.57 -27.97 -33.97
N LEU D 66 5.70 -27.28 -33.93
CA LEU D 66 6.60 -27.33 -35.09
C LEU D 66 6.93 -28.78 -35.44
N VAL D 67 7.38 -29.56 -34.46
CA VAL D 67 7.77 -30.94 -34.76
C VAL D 67 6.63 -31.71 -35.40
N ALA D 68 5.43 -31.58 -34.85
CA ALA D 68 4.30 -32.35 -35.38
C ALA D 68 3.91 -31.88 -36.80
N THR D 69 3.98 -30.57 -37.04
CA THR D 69 3.76 -30.06 -38.39
C THR D 69 4.79 -30.59 -39.38
N ALA D 70 6.05 -30.66 -38.96
CA ALA D 70 7.10 -31.18 -39.84
C ALA D 70 6.78 -32.63 -40.19
N ARG D 71 6.38 -33.43 -39.21
CA ARG D 71 6.07 -34.85 -39.44
C ARG D 71 4.93 -35.00 -40.46
N THR D 72 3.87 -34.23 -40.26
CA THR D 72 2.72 -34.28 -41.14
C THR D 72 3.10 -33.93 -42.57
N GLN D 73 3.79 -32.80 -42.73
CA GLN D 73 4.15 -32.33 -44.07
C GLN D 73 5.05 -33.34 -44.77
N ALA D 74 5.99 -33.93 -44.05
CA ALA D 74 6.89 -34.89 -44.67
C ALA D 74 6.15 -36.17 -45.05
N ARG D 75 5.22 -36.61 -44.18
CA ARG D 75 4.33 -37.74 -44.55
C ARG D 75 3.59 -37.46 -45.84
N GLY D 76 3.03 -36.25 -45.97
CA GLY D 76 2.37 -35.83 -47.22
C GLY D 76 3.27 -35.94 -48.44
N GLU D 77 4.48 -35.42 -48.39
CA GLU D 77 5.39 -35.51 -49.55
C GLU D 77 5.71 -36.95 -49.96
N VAL D 78 6.01 -37.82 -48.99
CA VAL D 78 6.21 -39.23 -49.27
C VAL D 78 4.94 -39.79 -49.93
N LEU D 79 3.77 -39.51 -49.36
CA LEU D 79 2.52 -40.10 -49.88
C LEU D 79 2.26 -39.66 -51.30
N GLU D 80 2.50 -38.38 -51.58
CA GLU D 80 2.28 -37.85 -52.92
C GLU D 80 3.26 -38.49 -53.92
N GLU D 81 4.47 -38.78 -53.45
CA GLU D 81 5.44 -39.50 -54.26
C GLU D 81 4.99 -40.91 -54.58
N VAL D 82 4.52 -41.63 -53.57
CA VAL D 82 3.98 -42.96 -53.80
C VAL D 82 2.84 -42.95 -54.84
N ARG D 83 1.95 -41.97 -54.74
CA ARG D 83 0.90 -41.77 -55.74
C ARG D 83 1.45 -41.56 -57.16
N ARG D 84 2.53 -40.78 -57.28
CA ARG D 84 3.21 -40.58 -58.57
C ARG D 84 3.56 -41.93 -59.16
N ARG D 85 4.29 -42.71 -58.37
CA ARG D 85 4.84 -43.99 -58.81
C ARG D 85 3.75 -45.01 -59.14
N VAL D 86 2.65 -44.98 -58.39
CA VAL D 86 1.50 -45.82 -58.68
C VAL D 86 0.84 -45.43 -60.00
N ARG D 87 0.76 -44.11 -60.24
CA ARG D 87 0.21 -43.64 -61.49
C ARG D 87 1.03 -44.07 -62.72
N GLU D 88 2.35 -43.91 -62.63
CA GLU D 88 3.22 -44.33 -63.72
C GLU D 88 3.17 -45.85 -63.97
N ALA D 89 3.09 -46.63 -62.89
CA ALA D 89 3.04 -48.08 -63.02
C ALA D 89 1.82 -48.46 -63.82
N LEU D 90 0.68 -47.88 -63.43
CA LEU D 90 -0.57 -48.12 -64.12
C LEU D 90 -0.48 -47.77 -65.61
N GLU D 91 0.11 -46.61 -65.90
CA GLU D 91 0.27 -46.17 -67.27
C GLU D 91 1.14 -47.15 -68.06
N ALA D 92 2.04 -47.84 -67.38
CA ALA D 92 2.94 -48.79 -68.06
C ALA D 92 2.32 -50.18 -68.19
N LEU D 93 1.14 -50.36 -67.59
CA LEU D 93 0.54 -51.68 -67.47
C LEU D 93 0.08 -52.35 -68.78
N PRO D 94 -0.47 -51.57 -69.73
CA PRO D 94 -0.87 -52.13 -71.02
C PRO D 94 0.31 -52.76 -71.77
N GLN D 95 1.46 -52.11 -71.67
CA GLN D 95 2.67 -52.62 -72.31
C GLN D 95 3.16 -53.90 -71.61
N LYS D 96 2.80 -54.06 -70.34
CA LYS D 96 3.14 -55.26 -69.58
C LYS D 96 2.31 -56.45 -70.04
N PRO D 97 2.85 -57.67 -69.88
CA PRO D 97 2.04 -58.87 -70.15
C PRO D 97 1.11 -59.02 -68.98
N GLU D 98 0.10 -59.87 -69.09
CA GLU D 98 -0.90 -59.98 -68.04
C GLU D 98 -1.95 -58.88 -68.11
N TRP D 99 -1.74 -57.90 -68.99
CA TRP D 99 -2.73 -56.85 -69.21
C TRP D 99 -4.08 -57.38 -69.72
N PRO D 100 -4.05 -58.35 -70.67
CA PRO D 100 -5.30 -58.84 -71.23
C PRO D 100 -6.24 -59.33 -70.13
N GLU D 101 -5.67 -59.99 -69.12
CA GLU D 101 -6.46 -60.55 -68.03
C GLU D 101 -6.99 -59.44 -67.12
N VAL D 102 -6.27 -58.32 -67.05
CA VAL D 102 -6.74 -57.15 -66.32
C VAL D 102 -7.98 -56.58 -67.01
N VAL D 103 -7.86 -56.38 -68.31
CA VAL D 103 -8.98 -55.94 -69.15
C VAL D 103 -10.22 -56.81 -68.95
N ARG D 104 -10.07 -58.12 -69.08
CA ARG D 104 -11.21 -59.03 -68.85
C ARG D 104 -11.81 -58.81 -67.47
N LYS D 105 -10.97 -58.67 -66.45
CA LYS D 105 -11.49 -58.56 -65.09
C LYS D 105 -12.29 -57.25 -64.95
N LEU D 106 -11.74 -56.16 -65.49
CA LEU D 106 -12.42 -54.88 -65.51
C LEU D 106 -13.77 -54.99 -66.21
N ALA D 107 -13.83 -55.74 -67.31
CA ALA D 107 -15.08 -55.89 -68.04
C ALA D 107 -16.11 -56.64 -67.24
N LEU D 108 -15.70 -57.74 -66.61
CA LEU D 108 -16.63 -58.53 -65.78
C LEU D 108 -17.20 -57.72 -64.62
N GLU D 109 -16.34 -56.93 -63.97
CA GLU D 109 -16.82 -56.01 -62.92
C GLU D 109 -17.82 -54.97 -63.44
N ALA D 110 -17.49 -54.33 -64.57
CA ALA D 110 -18.40 -53.43 -65.25
C ALA D 110 -19.79 -54.08 -65.49
N LEU D 111 -19.78 -55.32 -65.94
CA LEU D 111 -21.04 -56.06 -66.14
C LEU D 111 -21.74 -56.46 -64.82
N GLU D 112 -20.99 -56.60 -63.74
CA GLU D 112 -21.66 -56.74 -62.45
C GLU D 112 -22.38 -55.45 -62.10
N ALA D 113 -21.75 -54.31 -62.39
CA ALA D 113 -22.34 -53.02 -62.09
C ALA D 113 -23.54 -52.69 -63.02
N LEU D 114 -23.49 -53.17 -64.26
CA LEU D 114 -24.57 -52.92 -65.22
C LEU D 114 -24.90 -54.21 -65.94
N PRO D 115 -25.62 -55.10 -65.26
CA PRO D 115 -25.89 -56.42 -65.83
C PRO D 115 -26.83 -56.36 -67.04
N GLY D 116 -27.50 -55.22 -67.24
CA GLY D 116 -28.37 -55.03 -68.38
C GLY D 116 -27.55 -54.67 -69.62
N ALA D 117 -26.25 -54.53 -69.42
CA ALA D 117 -25.36 -54.05 -70.49
C ALA D 117 -25.66 -54.76 -71.82
N LYS D 118 -25.63 -54.01 -72.92
CA LYS D 118 -25.74 -54.61 -74.25
C LYS D 118 -24.41 -54.52 -75.03
N ALA D 119 -23.52 -53.67 -74.56
CA ALA D 119 -22.23 -53.50 -75.23
C ALA D 119 -21.12 -53.27 -74.21
N LEU D 120 -19.89 -53.61 -74.60
CA LEU D 120 -18.71 -53.18 -73.86
C LEU D 120 -17.89 -52.27 -74.74
N VAL D 121 -17.35 -51.21 -74.15
CA VAL D 121 -16.58 -50.23 -74.90
C VAL D 121 -15.19 -50.23 -74.34
N ALA D 122 -14.19 -50.26 -75.22
CA ALA D 122 -12.79 -50.22 -74.80
C ALA D 122 -11.88 -49.61 -75.87
N ASN D 123 -10.64 -49.33 -75.49
CA ASN D 123 -9.64 -48.93 -76.46
C ASN D 123 -9.53 -49.96 -77.58
N PRO D 124 -9.55 -49.49 -78.84
CA PRO D 124 -9.33 -50.33 -80.02
C PRO D 124 -8.20 -51.35 -79.86
N GLU D 125 -7.21 -51.07 -79.01
CA GLU D 125 -6.16 -52.04 -78.71
C GLU D 125 -6.54 -53.17 -77.74
N ASP D 126 -7.51 -52.91 -76.86
CA ASP D 126 -7.90 -53.85 -75.82
C ASP D 126 -9.05 -54.78 -76.21
N LEU D 127 -9.82 -54.40 -77.23
CA LEU D 127 -10.96 -55.20 -77.70
C LEU D 127 -10.65 -56.65 -78.06
N PRO D 128 -9.52 -56.90 -78.76
CA PRO D 128 -9.13 -58.29 -79.01
C PRO D 128 -9.14 -59.15 -77.74
N HIS D 129 -8.93 -58.52 -76.58
CA HIS D 129 -8.85 -59.26 -75.32
C HIS D 129 -10.21 -59.63 -74.76
N LEU D 130 -11.27 -58.99 -75.27
CA LEU D 130 -12.62 -59.23 -74.76
C LEU D 130 -13.50 -60.05 -75.71
N GLU D 131 -12.99 -60.33 -76.90
CA GLU D 131 -13.81 -60.96 -77.92
C GLU D 131 -14.62 -62.13 -77.36
N ALA D 132 -13.94 -63.08 -76.72
CA ALA D 132 -14.59 -64.33 -76.30
C ALA D 132 -15.54 -64.16 -75.13
N LEU D 133 -15.10 -63.42 -74.13
CA LEU D 133 -15.99 -63.10 -73.01
C LEU D 133 -17.25 -62.35 -73.47
N ALA D 134 -17.09 -61.40 -74.38
CA ALA D 134 -18.25 -60.76 -75.03
C ALA D 134 -19.18 -61.73 -75.78
N ARG D 135 -18.60 -62.58 -76.62
CA ARG D 135 -19.38 -63.52 -77.41
C ARG D 135 -20.19 -64.47 -76.52
N GLU D 136 -19.57 -64.96 -75.45
CA GLU D 136 -20.26 -65.80 -74.48
C GLU D 136 -21.54 -65.18 -73.89
N ARG D 137 -21.54 -63.86 -73.68
CA ARG D 137 -22.72 -63.16 -73.13
C ARG D 137 -23.63 -62.63 -74.24
N GLY D 138 -23.14 -62.62 -75.46
CA GLY D 138 -23.85 -62.00 -76.57
C GLY D 138 -23.97 -60.50 -76.38
N VAL D 139 -22.87 -59.85 -76.04
CA VAL D 139 -22.84 -58.38 -75.94
C VAL D 139 -21.88 -57.86 -76.99
N GLU D 140 -22.19 -56.69 -77.54
CA GLU D 140 -21.42 -56.13 -78.65
C GLU D 140 -20.14 -55.52 -78.13
N LEU D 141 -19.16 -55.37 -79.01
CA LEU D 141 -17.91 -54.72 -78.68
C LEU D 141 -17.75 -53.48 -79.53
N GLN D 142 -17.57 -52.33 -78.86
CA GLN D 142 -17.38 -51.04 -79.52
C GLN D 142 -16.05 -50.44 -79.11
N ALA D 143 -15.27 -49.99 -80.09
CA ALA D 143 -13.96 -49.38 -79.82
C ALA D 143 -14.11 -47.89 -79.55
N GLU D 144 -13.32 -47.38 -78.60
CA GLU D 144 -13.30 -45.95 -78.32
C GLU D 144 -11.88 -45.53 -77.99
N PRO D 145 -11.20 -44.91 -78.97
CA PRO D 145 -9.94 -44.22 -78.71
C PRO D 145 -10.20 -43.07 -77.76
N ALA D 146 -9.20 -42.67 -76.99
CA ALA D 146 -9.36 -41.69 -75.91
C ALA D 146 -9.73 -42.34 -74.57
N LEU D 147 -10.44 -43.46 -74.62
CA LEU D 147 -10.63 -44.30 -73.44
C LEU D 147 -9.39 -45.17 -73.30
N ARG D 148 -8.64 -44.98 -72.21
CA ARG D 148 -7.34 -45.62 -72.07
C ARG D 148 -7.34 -46.86 -71.15
N LEU D 149 -7.48 -46.66 -69.84
CA LEU D 149 -7.15 -47.73 -68.91
C LEU D 149 -8.38 -48.25 -68.19
N GLY D 150 -9.29 -48.84 -68.95
CA GLY D 150 -10.52 -49.36 -68.40
C GLY D 150 -11.50 -49.81 -69.46
N VAL D 151 -12.74 -50.03 -69.05
CA VAL D 151 -13.78 -50.53 -69.94
C VAL D 151 -15.07 -49.93 -69.42
N ARG D 152 -15.96 -49.59 -70.34
CA ARG D 152 -17.30 -49.15 -69.95
C ARG D 152 -18.42 -50.02 -70.49
N ALA D 153 -19.35 -50.39 -69.61
CA ALA D 153 -20.55 -51.11 -69.97
C ALA D 153 -21.67 -50.15 -70.40
N VAL D 154 -22.38 -50.47 -71.49
CA VAL D 154 -23.51 -49.65 -71.94
C VAL D 154 -24.80 -50.43 -72.21
N GLY D 155 -25.90 -49.91 -71.67
CA GLY D 155 -27.23 -50.51 -71.82
C GLY D 155 -27.87 -50.32 -73.20
N ALA D 156 -29.15 -50.67 -73.33
CA ALA D 156 -29.89 -50.46 -74.57
C ALA D 156 -29.88 -48.97 -74.90
N GLU D 157 -29.52 -48.64 -76.15
CA GLU D 157 -29.16 -47.28 -76.51
C GLU D 157 -28.09 -46.73 -75.57
N GLY D 158 -28.09 -45.41 -75.34
CA GLY D 158 -27.13 -44.78 -74.46
C GLY D 158 -27.71 -44.39 -73.11
N LYS D 159 -28.91 -44.89 -72.83
CA LYS D 159 -29.64 -44.53 -71.62
C LYS D 159 -28.77 -44.57 -70.37
N THR D 160 -28.00 -45.65 -70.23
CA THR D 160 -27.16 -45.87 -69.04
C THR D 160 -25.77 -46.34 -69.45
N GLN D 161 -24.76 -45.89 -68.71
CA GLN D 161 -23.37 -46.31 -68.93
C GLN D 161 -22.58 -46.37 -67.62
N VAL D 162 -21.78 -47.40 -67.44
CA VAL D 162 -20.91 -47.50 -66.28
C VAL D 162 -19.46 -47.55 -66.75
N GLU D 163 -18.58 -46.79 -66.12
CA GLU D 163 -17.17 -46.80 -66.50
C GLU D 163 -16.26 -47.35 -65.40
N ASN D 164 -15.30 -48.19 -65.76
CA ASN D 164 -14.47 -48.88 -64.78
C ASN D 164 -13.05 -48.69 -65.24
N SER D 165 -12.43 -47.60 -64.77
CA SER D 165 -11.10 -47.21 -65.22
C SER D 165 -10.14 -47.15 -64.04
N LEU D 166 -8.86 -47.44 -64.29
CA LEU D 166 -7.87 -47.56 -63.21
C LEU D 166 -7.44 -46.23 -62.60
N LEU D 167 -7.17 -45.25 -63.44
CA LEU D 167 -6.85 -43.92 -62.96
C LEU D 167 -7.96 -43.47 -62.02
N ALA D 168 -9.20 -43.69 -62.43
CA ALA D 168 -10.38 -43.30 -61.64
C ALA D 168 -10.47 -44.06 -60.31
N ARG D 169 -10.19 -45.36 -60.30
CA ARG D 169 -10.19 -46.10 -59.04
C ARG D 169 -9.14 -45.49 -58.09
N LEU D 170 -7.95 -45.19 -58.60
CA LEU D 170 -6.90 -44.65 -57.76
C LEU D 170 -7.37 -43.33 -57.17
N ASP D 171 -7.88 -42.44 -58.00
CA ASP D 171 -8.22 -41.08 -57.52
C ASP D 171 -9.40 -41.13 -56.55
N ARG D 172 -10.38 -41.99 -56.81
CA ARG D 172 -11.53 -42.08 -55.91
C ARG D 172 -11.12 -42.65 -54.55
N ALA D 173 -10.18 -43.58 -54.52
CA ALA D 173 -9.92 -44.33 -53.31
C ALA D 173 -8.72 -43.76 -52.52
N TRP D 174 -8.04 -42.76 -53.05
CA TRP D 174 -6.73 -42.38 -52.51
C TRP D 174 -6.77 -41.93 -51.06
N ASP D 175 -7.79 -41.14 -50.70
CA ASP D 175 -8.02 -40.79 -49.31
C ASP D 175 -7.82 -42.00 -48.40
N ALA D 176 -8.52 -43.10 -48.68
CA ALA D 176 -8.48 -44.31 -47.86
C ALA D 176 -7.19 -45.11 -48.06
N LEU D 177 -6.70 -45.15 -49.30
CA LEU D 177 -5.46 -45.85 -49.63
C LEU D 177 -4.27 -45.28 -48.87
N SER D 178 -4.22 -43.95 -48.76
CA SER D 178 -3.05 -43.29 -48.19
C SER D 178 -2.84 -43.69 -46.73
N SER D 179 -3.93 -43.96 -46.01
CA SER D 179 -3.82 -44.50 -44.65
C SER D 179 -3.22 -45.91 -44.59
N LYS D 180 -3.58 -46.78 -45.53
CA LYS D 180 -3.00 -48.12 -45.60
C LYS D 180 -1.52 -48.01 -45.93
N VAL D 181 -1.20 -47.18 -46.91
CA VAL D 181 0.19 -46.91 -47.23
C VAL D 181 0.92 -46.40 -45.98
N ALA D 182 0.36 -45.38 -45.33
CA ALA D 182 1.00 -44.81 -44.13
C ALA D 182 1.37 -45.92 -43.16
N GLN D 183 0.43 -46.85 -42.95
CA GLN D 183 0.64 -47.96 -42.03
C GLN D 183 1.81 -48.83 -42.51
N ALA D 184 1.82 -49.15 -43.80
CA ALA D 184 2.87 -49.98 -44.39
C ALA D 184 4.25 -49.35 -44.27
N LEU D 185 4.31 -48.03 -44.48
CA LEU D 185 5.57 -47.31 -44.41
C LEU D 185 6.09 -47.07 -42.99
N TRP D 186 5.24 -46.52 -42.14
CA TRP D 186 5.72 -46.09 -40.83
C TRP D 186 5.07 -46.85 -39.69
N GLY D 187 4.65 -48.09 -39.94
CA GLY D 187 4.22 -49.01 -38.88
C GLY D 187 4.88 -50.39 -38.97
CA CA E . -10.60 -20.68 -27.76
CA CA F . -10.45 -21.77 -31.39
CA CA G . 5.80 34.01 75.43
CA CA H . -11.39 -23.58 -29.16
CA CA I . -4.56 34.33 66.56
NA NA J . -7.80 -54.94 -49.70
NA NA K . 19.19 -27.59 -39.82
NA NA L . -4.68 11.59 22.34
#